data_1F00
#
_entry.id   1F00
#
_cell.length_a   52.160
_cell.length_b   47.100
_cell.length_c   71.660
_cell.angle_alpha   90.00
_cell.angle_beta   94.20
_cell.angle_gamma   90.00
#
_symmetry.space_group_name_H-M   'P 1 21 1'
#
loop_
_entity.id
_entity.type
_entity.pdbx_description
1 polymer INTIMIN
2 water water
#
_entity_poly.entity_id   1
_entity_poly.type   'polypeptide(L)'
_entity_poly.pdbx_seq_one_letter_code
;ASITEIKADKTTAVANGQDAITYTVKVMKGDKPVSNQEVTFTTTLGKLSNSTEKTDTNGYAKVTLTSTTPGKSLVSARVS
DVAVDVKAPEVEFFTTLTIDDGNIEIVGTGVKGKLPTVWLQYGQVNLKASGGNGKYTWRSANPAIASVDASSGQVTLKEK
GTTTISVISSDNQTATYTIATPNSLIVPNMSKRVTYNDAVNTCKNFGGKLPSSQNELENVFKAWGAANKYEYYKSSQTII
SWVQQTAQDAKSGVASTYDLVKQNPLNNIKASESNAYATCVK
;
_entity_poly.pdbx_strand_id   I
#
# COMPACT_ATOMS: atom_id res chain seq x y z
N ALA A 1 40.41 -32.13 1.77
CA ALA A 1 40.00 -33.54 1.58
C ALA A 1 38.47 -33.66 1.49
N SER A 2 37.76 -32.96 2.36
CA SER A 2 36.30 -33.02 2.32
C SER A 2 35.58 -31.81 2.91
N ILE A 3 34.47 -31.45 2.29
CA ILE A 3 33.67 -30.32 2.75
C ILE A 3 32.83 -30.83 3.92
N THR A 4 33.03 -30.24 5.08
CA THR A 4 32.30 -30.66 6.28
C THR A 4 31.27 -29.63 6.73
N GLU A 5 31.23 -28.50 6.04
CA GLU A 5 30.29 -27.43 6.35
C GLU A 5 29.96 -26.70 5.05
N ILE A 6 28.68 -26.37 4.87
CA ILE A 6 28.25 -25.63 3.70
C ILE A 6 27.02 -24.85 4.15
N LYS A 7 27.24 -23.56 4.42
CA LYS A 7 26.19 -22.68 4.92
C LYS A 7 25.88 -21.50 4.03
N ALA A 8 24.69 -20.94 4.23
CA ALA A 8 24.23 -19.76 3.50
C ALA A 8 23.85 -18.76 4.59
N ASP A 9 24.30 -17.51 4.48
CA ASP A 9 23.98 -16.53 5.51
C ASP A 9 22.50 -16.16 5.56
N LYS A 10 21.79 -16.35 4.46
CA LYS A 10 20.35 -16.05 4.40
C LYS A 10 19.70 -16.99 3.39
N THR A 11 18.42 -17.30 3.58
CA THR A 11 17.72 -18.20 2.66
C THR A 11 16.75 -17.50 1.74
N THR A 12 16.70 -16.18 1.80
CA THR A 12 15.82 -15.39 0.95
C THR A 12 16.55 -14.12 0.52
N ALA A 13 16.28 -13.68 -0.70
CA ALA A 13 16.92 -12.47 -1.23
C ALA A 13 16.09 -11.89 -2.37
N VAL A 14 16.35 -10.64 -2.70
CA VAL A 14 15.63 -9.96 -3.78
C VAL A 14 16.29 -10.23 -5.13
N ALA A 15 15.48 -10.51 -6.14
CA ALA A 15 16.00 -10.79 -7.48
C ALA A 15 16.29 -9.50 -8.24
N ASN A 16 17.16 -8.66 -7.69
CA ASN A 16 17.53 -7.40 -8.31
C ASN A 16 18.94 -7.46 -8.87
N GLY A 17 19.53 -8.66 -8.84
CA GLY A 17 20.87 -8.83 -9.35
C GLY A 17 21.92 -8.18 -8.49
N GLN A 18 21.54 -7.74 -7.30
CA GLN A 18 22.47 -7.09 -6.38
C GLN A 18 22.41 -7.69 -4.98
N ASP A 19 21.20 -8.03 -4.52
CA ASP A 19 21.04 -8.64 -3.20
C ASP A 19 21.73 -9.99 -3.30
N ALA A 20 22.77 -10.19 -2.50
CA ALA A 20 23.53 -11.43 -2.57
C ALA A 20 23.49 -12.31 -1.35
N ILE A 21 23.52 -13.61 -1.61
CA ILE A 21 23.53 -14.61 -0.56
C ILE A 21 24.95 -15.16 -0.59
N THR A 22 25.61 -15.15 0.57
CA THR A 22 26.97 -15.65 0.62
C THR A 22 27.02 -17.06 1.21
N TYR A 23 27.68 -17.94 0.47
CA TYR A 23 27.84 -19.33 0.87
C TYR A 23 29.24 -19.52 1.44
N THR A 24 29.32 -20.23 2.55
CA THR A 24 30.62 -20.48 3.16
C THR A 24 30.82 -21.99 3.37
N VAL A 25 31.90 -22.52 2.81
CA VAL A 25 32.20 -23.93 2.96
C VAL A 25 33.49 -24.08 3.76
N LYS A 26 33.65 -25.24 4.39
CA LYS A 26 34.86 -25.52 5.16
C LYS A 26 35.37 -26.87 4.69
N VAL A 27 36.66 -26.92 4.35
CA VAL A 27 37.28 -28.17 3.91
C VAL A 27 38.16 -28.68 5.05
N MET A 28 37.97 -29.95 5.39
CA MET A 28 38.72 -30.54 6.47
C MET A 28 39.33 -31.89 6.14
N LYS A 29 40.32 -32.26 6.94
CA LYS A 29 40.99 -33.55 6.83
C LYS A 29 41.08 -33.97 8.28
N GLY A 30 40.00 -34.55 8.79
CA GLY A 30 39.97 -34.94 10.18
C GLY A 30 39.80 -33.67 10.97
N ASP A 31 40.51 -33.55 12.09
CA ASP A 31 40.40 -32.34 12.91
C ASP A 31 41.27 -31.21 12.36
N LYS A 32 41.78 -31.39 11.14
CA LYS A 32 42.63 -30.37 10.53
C LYS A 32 42.04 -29.71 9.29
N PRO A 33 42.08 -28.38 9.23
CA PRO A 33 41.54 -27.63 8.09
C PRO A 33 42.47 -27.75 6.89
N VAL A 34 41.91 -27.65 5.70
CA VAL A 34 42.70 -27.73 4.48
C VAL A 34 42.80 -26.36 3.82
N SER A 35 44.00 -25.78 3.89
CA SER A 35 44.26 -24.46 3.33
C SER A 35 44.60 -24.49 1.84
N ASN A 36 44.35 -23.37 1.17
CA ASN A 36 44.60 -23.23 -0.25
C ASN A 36 44.02 -24.35 -1.11
N GLN A 37 42.86 -24.87 -0.69
CA GLN A 37 42.20 -25.92 -1.45
C GLN A 37 41.20 -25.26 -2.40
N GLU A 38 41.26 -25.66 -3.66
CA GLU A 38 40.36 -25.09 -4.65
C GLU A 38 38.99 -25.77 -4.60
N VAL A 39 37.95 -24.95 -4.52
CA VAL A 39 36.58 -25.43 -4.48
C VAL A 39 35.81 -24.80 -5.64
N THR A 40 35.02 -25.60 -6.33
CA THR A 40 34.24 -25.10 -7.46
C THR A 40 32.74 -25.14 -7.17
N PHE A 41 32.08 -24.01 -7.43
CA PHE A 41 30.65 -23.89 -7.20
C PHE A 41 29.83 -23.84 -8.47
N THR A 42 28.57 -24.24 -8.34
CA THR A 42 27.64 -24.26 -9.44
C THR A 42 26.26 -23.94 -8.88
N THR A 43 25.39 -23.38 -9.70
CA THR A 43 24.06 -23.03 -9.24
C THR A 43 23.01 -23.43 -10.26
N THR A 44 21.81 -23.68 -9.77
CA THR A 44 20.70 -24.04 -10.65
C THR A 44 19.97 -22.77 -11.09
N LEU A 45 20.30 -21.65 -10.43
CA LEU A 45 19.68 -20.36 -10.74
C LEU A 45 20.47 -19.17 -10.20
N GLY A 46 20.67 -18.16 -11.03
CA GLY A 46 21.39 -16.99 -10.58
C GLY A 46 22.82 -16.87 -11.10
N LYS A 47 23.56 -15.91 -10.55
CA LYS A 47 24.95 -15.66 -10.93
C LYS A 47 25.89 -15.75 -9.74
N LEU A 48 26.90 -16.61 -9.86
CA LEU A 48 27.88 -16.78 -8.80
C LEU A 48 29.03 -15.79 -8.99
N SER A 49 29.50 -15.21 -7.90
CA SER A 49 30.62 -14.26 -7.97
C SER A 49 31.78 -14.91 -8.71
N ASN A 50 32.12 -16.14 -8.33
CA ASN A 50 33.20 -16.88 -8.94
C ASN A 50 32.86 -18.37 -8.94
N SER A 51 33.28 -19.10 -9.96
CA SER A 51 32.99 -20.53 -10.04
C SER A 51 34.00 -21.33 -9.22
N THR A 52 35.16 -20.74 -8.94
CA THR A 52 36.19 -21.42 -8.15
C THR A 52 36.74 -20.50 -7.07
N GLU A 53 37.14 -21.09 -5.96
CA GLU A 53 37.67 -20.33 -4.84
C GLU A 53 38.64 -21.22 -4.04
N LYS A 54 39.63 -20.61 -3.40
CA LYS A 54 40.61 -21.34 -2.61
C LYS A 54 40.35 -21.10 -1.12
N THR A 55 40.40 -22.16 -0.32
CA THR A 55 40.16 -22.04 1.12
C THR A 55 41.23 -21.20 1.81
N ASP A 56 40.94 -20.78 3.05
CA ASP A 56 41.88 -19.98 3.83
C ASP A 56 42.77 -20.93 4.60
N THR A 57 43.62 -20.37 5.47
CA THR A 57 44.49 -21.20 6.29
C THR A 57 43.63 -21.81 7.39
N ASN A 58 42.34 -21.50 7.33
CA ASN A 58 41.39 -22.03 8.30
C ASN A 58 40.43 -23.00 7.63
N GLY A 59 40.63 -23.23 6.35
CA GLY A 59 39.79 -24.17 5.61
C GLY A 59 38.50 -23.62 5.05
N TYR A 60 38.31 -22.30 5.10
CA TYR A 60 37.09 -21.69 4.60
C TYR A 60 37.19 -21.12 3.19
N ALA A 61 36.10 -21.22 2.44
CA ALA A 61 36.01 -20.71 1.07
C ALA A 61 34.64 -20.05 0.97
N LYS A 62 34.57 -18.92 0.26
CA LYS A 62 33.31 -18.19 0.16
C LYS A 62 33.00 -17.64 -1.22
N VAL A 63 31.72 -17.59 -1.56
CA VAL A 63 31.24 -17.07 -2.83
C VAL A 63 29.85 -16.48 -2.62
N THR A 64 29.43 -15.58 -3.52
CA THR A 64 28.11 -14.96 -3.41
C THR A 64 27.23 -15.28 -4.61
N LEU A 65 25.92 -15.25 -4.39
CA LEU A 65 24.94 -15.55 -5.43
C LEU A 65 23.90 -14.43 -5.54
N THR A 66 23.58 -14.05 -6.77
CA THR A 66 22.57 -13.02 -7.03
C THR A 66 21.68 -13.55 -8.15
N SER A 67 20.55 -12.90 -8.39
CA SER A 67 19.64 -13.35 -9.45
C SER A 67 18.78 -12.22 -9.98
N THR A 68 18.43 -12.29 -11.27
CA THR A 68 17.59 -11.28 -11.88
C THR A 68 16.16 -11.80 -12.02
N THR A 69 15.97 -13.08 -11.74
CA THR A 69 14.65 -13.67 -11.80
C THR A 69 14.37 -14.41 -10.50
N PRO A 70 13.09 -14.45 -10.08
CA PRO A 70 12.69 -15.12 -8.84
C PRO A 70 12.69 -16.64 -9.00
N GLY A 71 12.74 -17.35 -7.88
CA GLY A 71 12.73 -18.81 -7.93
C GLY A 71 13.65 -19.46 -6.93
N LYS A 72 13.52 -20.77 -6.76
CA LYS A 72 14.37 -21.49 -5.83
C LYS A 72 15.73 -21.69 -6.50
N SER A 73 16.80 -21.55 -5.72
CA SER A 73 18.14 -21.71 -6.24
C SER A 73 18.90 -22.74 -5.40
N LEU A 74 19.59 -23.65 -6.08
CA LEU A 74 20.36 -24.69 -5.40
C LEU A 74 21.83 -24.63 -5.78
N VAL A 75 22.65 -24.24 -4.81
CA VAL A 75 24.09 -24.16 -5.03
C VAL A 75 24.78 -25.45 -4.58
N SER A 76 25.77 -25.87 -5.33
CA SER A 76 26.54 -27.08 -5.03
C SER A 76 28.02 -26.75 -5.10
N ALA A 77 28.81 -27.40 -4.27
CA ALA A 77 30.25 -27.19 -4.23
C ALA A 77 30.93 -28.55 -4.23
N ARG A 78 32.18 -28.57 -4.71
CA ARG A 78 32.93 -29.82 -4.74
C ARG A 78 34.42 -29.54 -4.62
N VAL A 79 35.14 -30.49 -4.02
CA VAL A 79 36.58 -30.36 -3.91
C VAL A 79 37.10 -30.48 -5.34
N SER A 80 37.77 -29.44 -5.80
CA SER A 80 38.29 -29.35 -7.17
C SER A 80 38.60 -30.65 -7.92
N ASP A 81 39.61 -31.40 -7.45
CA ASP A 81 40.00 -32.63 -8.14
C ASP A 81 39.05 -33.82 -8.01
N VAL A 82 37.94 -33.62 -7.30
CA VAL A 82 36.97 -34.71 -7.13
C VAL A 82 35.64 -34.34 -7.79
N ALA A 83 35.02 -35.30 -8.46
CA ALA A 83 33.75 -35.05 -9.14
C ALA A 83 32.54 -35.51 -8.33
N VAL A 84 32.43 -35.02 -7.10
CA VAL A 84 31.33 -35.36 -6.21
C VAL A 84 30.80 -34.07 -5.57
N ASP A 85 29.64 -33.61 -6.03
CA ASP A 85 29.05 -32.37 -5.52
C ASP A 85 28.34 -32.50 -4.18
N VAL A 86 28.44 -31.45 -3.37
CA VAL A 86 27.77 -31.39 -2.08
C VAL A 86 26.74 -30.27 -2.23
N LYS A 87 25.48 -30.58 -1.96
CA LYS A 87 24.41 -29.62 -2.07
C LYS A 87 24.34 -28.70 -0.86
N ALA A 88 24.16 -27.41 -1.12
CA ALA A 88 24.06 -26.41 -0.06
C ALA A 88 22.59 -26.25 0.29
N PRO A 89 22.28 -25.54 1.38
CA PRO A 89 20.87 -25.35 1.74
C PRO A 89 20.20 -24.61 0.58
N GLU A 90 18.94 -24.93 0.33
CA GLU A 90 18.21 -24.29 -0.75
C GLU A 90 17.85 -22.86 -0.35
N VAL A 91 17.84 -21.95 -1.32
CA VAL A 91 17.49 -20.55 -1.05
C VAL A 91 16.48 -20.08 -2.08
N GLU A 92 15.85 -18.93 -1.84
CA GLU A 92 14.87 -18.40 -2.77
C GLU A 92 15.02 -16.91 -3.06
N PHE A 93 14.89 -16.56 -4.34
CA PHE A 93 14.94 -15.16 -4.74
C PHE A 93 13.52 -14.74 -5.05
N PHE A 94 13.17 -13.51 -4.67
CA PHE A 94 11.82 -13.01 -4.91
C PHE A 94 11.84 -11.67 -5.62
N THR A 95 10.83 -11.45 -6.45
CA THR A 95 10.71 -10.20 -7.18
C THR A 95 10.63 -9.05 -6.18
N THR A 96 11.02 -7.86 -6.64
CA THR A 96 10.98 -6.65 -5.81
C THR A 96 9.55 -6.34 -5.36
N LEU A 97 9.37 -6.13 -4.06
CA LEU A 97 8.06 -5.81 -3.53
C LEU A 97 7.72 -4.40 -4.00
N THR A 98 6.52 -4.23 -4.53
CA THR A 98 6.09 -2.95 -5.07
C THR A 98 4.61 -2.68 -4.83
N ILE A 99 4.26 -1.40 -4.69
CA ILE A 99 2.88 -1.02 -4.54
C ILE A 99 2.48 -0.37 -5.86
N ASP A 100 1.46 -0.93 -6.49
CA ASP A 100 0.95 -0.45 -7.79
C ASP A 100 0.26 0.88 -7.54
N ASP A 101 1.05 1.88 -7.14
CA ASP A 101 0.57 3.22 -6.80
C ASP A 101 -0.06 4.05 -7.91
N GLY A 102 0.07 3.60 -9.16
CA GLY A 102 -0.54 4.34 -10.25
C GLY A 102 -1.93 3.82 -10.53
N ASN A 103 -2.30 2.74 -9.86
CA ASN A 103 -3.62 2.14 -10.04
C ASN A 103 -4.34 1.91 -8.73
N ILE A 104 -4.42 2.97 -7.93
CA ILE A 104 -5.13 2.89 -6.66
C ILE A 104 -6.61 2.82 -7.03
N GLU A 105 -7.29 1.83 -6.47
CA GLU A 105 -8.70 1.60 -6.78
C GLU A 105 -9.76 2.19 -5.84
N ILE A 106 -10.65 2.99 -6.42
CA ILE A 106 -11.75 3.59 -5.68
C ILE A 106 -12.72 2.43 -5.39
N VAL A 107 -12.87 2.10 -4.12
CA VAL A 107 -13.72 0.98 -3.71
C VAL A 107 -15.16 1.03 -4.22
N GLY A 108 -15.77 2.21 -4.22
CA GLY A 108 -17.15 2.30 -4.67
C GLY A 108 -17.39 2.14 -6.17
N THR A 109 -16.44 2.59 -6.98
CA THR A 109 -16.58 2.56 -8.43
C THR A 109 -15.66 1.60 -9.20
N GLY A 110 -14.55 1.21 -8.61
CA GLY A 110 -13.63 0.30 -9.30
C GLY A 110 -12.64 1.06 -10.17
N VAL A 111 -12.81 2.38 -10.26
CA VAL A 111 -11.90 3.21 -11.04
C VAL A 111 -10.50 3.12 -10.45
N LYS A 112 -9.49 3.00 -11.31
CA LYS A 112 -8.10 2.91 -10.85
C LYS A 112 -7.30 4.11 -11.33
N GLY A 113 -6.52 4.70 -10.45
CA GLY A 113 -5.71 5.84 -10.81
C GLY A 113 -4.95 6.36 -9.60
N LYS A 114 -4.67 7.66 -9.59
CA LYS A 114 -3.97 8.27 -8.48
C LYS A 114 -4.98 8.52 -7.35
N LEU A 115 -4.49 8.77 -6.14
CA LEU A 115 -5.37 9.04 -5.02
C LEU A 115 -6.01 10.41 -5.22
N PRO A 116 -7.35 10.51 -5.10
CA PRO A 116 -7.99 11.82 -5.28
C PRO A 116 -7.45 12.83 -4.27
N THR A 117 -7.50 14.11 -4.63
CA THR A 117 -7.02 15.18 -3.76
C THR A 117 -8.18 15.81 -3.01
N VAL A 118 -9.38 15.27 -3.24
CA VAL A 118 -10.60 15.71 -2.57
C VAL A 118 -11.11 14.43 -1.94
N TRP A 119 -11.21 14.41 -0.61
CA TRP A 119 -11.61 13.19 0.07
C TRP A 119 -12.97 13.16 0.73
N LEU A 120 -13.79 12.19 0.36
CA LEU A 120 -15.06 12.02 1.04
C LEU A 120 -14.54 11.40 2.33
N GLN A 121 -14.89 11.94 3.49
CA GLN A 121 -14.38 11.36 4.73
C GLN A 121 -14.83 9.90 4.84
N TYR A 122 -13.89 9.03 5.18
CA TYR A 122 -14.15 7.60 5.32
C TYR A 122 -14.35 6.92 3.98
N GLY A 123 -13.93 7.60 2.92
CA GLY A 123 -14.00 7.01 1.60
C GLY A 123 -12.94 5.92 1.67
N GLN A 124 -13.04 4.91 0.81
CA GLN A 124 -12.08 3.81 0.84
C GLN A 124 -11.47 3.47 -0.51
N VAL A 125 -10.18 3.14 -0.49
CA VAL A 125 -9.46 2.76 -1.72
C VAL A 125 -8.68 1.48 -1.47
N ASN A 126 -8.44 0.70 -2.53
CA ASN A 126 -7.68 -0.53 -2.41
C ASN A 126 -6.29 -0.35 -2.99
N LEU A 127 -5.26 -0.67 -2.19
CA LEU A 127 -3.89 -0.57 -2.65
C LEU A 127 -3.45 -1.99 -3.00
N LYS A 128 -2.77 -2.15 -4.15
CA LYS A 128 -2.31 -3.47 -4.55
C LYS A 128 -0.79 -3.54 -4.55
N ALA A 129 -0.28 -4.60 -3.93
CA ALA A 129 1.15 -4.84 -3.88
C ALA A 129 1.45 -6.02 -4.78
N SER A 130 2.70 -6.12 -5.22
CA SER A 130 3.13 -7.21 -6.07
C SER A 130 4.58 -7.49 -5.76
N GLY A 131 5.02 -8.73 -5.98
CA GLY A 131 6.40 -9.07 -5.71
C GLY A 131 6.53 -9.74 -4.36
N GLY A 132 7.78 -9.96 -3.93
CA GLY A 132 8.00 -10.62 -2.66
C GLY A 132 7.45 -12.03 -2.79
N ASN A 133 7.15 -12.68 -1.67
CA ASN A 133 6.63 -14.03 -1.71
C ASN A 133 5.11 -14.06 -1.78
N GLY A 134 4.51 -12.90 -1.99
CA GLY A 134 3.06 -12.81 -2.11
C GLY A 134 2.24 -12.76 -0.83
N LYS A 135 2.88 -12.89 0.32
CA LYS A 135 2.17 -12.84 1.60
C LYS A 135 2.40 -11.46 2.22
N TYR A 136 1.38 -10.61 2.15
CA TYR A 136 1.49 -9.22 2.61
C TYR A 136 0.82 -8.83 3.94
N THR A 137 1.40 -7.84 4.59
CA THR A 137 0.89 -7.30 5.85
C THR A 137 1.00 -5.78 5.70
N TRP A 138 -0.10 -5.07 5.88
CA TRP A 138 -0.11 -3.61 5.72
C TRP A 138 -0.17 -2.82 7.03
N ARG A 139 0.29 -1.57 6.98
CA ARG A 139 0.24 -0.71 8.15
C ARG A 139 0.25 0.74 7.71
N SER A 140 -0.19 1.61 8.61
CA SER A 140 -0.22 3.03 8.34
C SER A 140 0.63 3.71 9.41
N ALA A 141 1.46 4.65 8.98
CA ALA A 141 2.31 5.38 9.92
C ALA A 141 1.46 6.26 10.84
N ASN A 142 0.26 6.61 10.40
CA ASN A 142 -0.64 7.44 11.21
C ASN A 142 -2.10 7.13 10.91
N PRO A 143 -2.68 6.14 11.61
CA PRO A 143 -4.08 5.73 11.44
C PRO A 143 -5.11 6.84 11.67
N ALA A 144 -4.68 7.97 12.23
CA ALA A 144 -5.59 9.09 12.47
C ALA A 144 -5.89 9.77 11.14
N ILE A 145 -4.90 9.78 10.26
CA ILE A 145 -5.04 10.39 8.94
C ILE A 145 -5.72 9.38 8.03
N ALA A 146 -5.16 8.18 7.98
CA ALA A 146 -5.72 7.12 7.15
C ALA A 146 -5.35 5.78 7.77
N SER A 147 -6.32 4.87 7.83
CA SER A 147 -6.07 3.55 8.39
C SER A 147 -6.08 2.53 7.27
N VAL A 148 -5.49 1.36 7.51
CA VAL A 148 -5.44 0.33 6.48
C VAL A 148 -5.68 -1.05 7.08
N ASP A 149 -6.47 -1.87 6.38
CA ASP A 149 -6.74 -3.23 6.83
C ASP A 149 -5.45 -4.00 6.66
N ALA A 150 -4.88 -4.47 7.77
CA ALA A 150 -3.61 -5.18 7.78
C ALA A 150 -3.48 -6.33 6.77
N SER A 151 -4.60 -6.97 6.44
CA SER A 151 -4.59 -8.08 5.50
C SER A 151 -4.95 -7.76 4.06
N SER A 152 -5.98 -6.94 3.87
CA SER A 152 -6.46 -6.62 2.51
C SER A 152 -5.77 -5.47 1.77
N GLY A 153 -5.21 -4.51 2.51
CA GLY A 153 -4.57 -3.40 1.85
C GLY A 153 -5.59 -2.31 1.55
N GLN A 154 -6.80 -2.47 2.08
CA GLN A 154 -7.83 -1.46 1.85
C GLN A 154 -7.61 -0.31 2.83
N VAL A 155 -7.52 0.89 2.29
CA VAL A 155 -7.30 2.08 3.09
C VAL A 155 -8.56 2.92 3.27
N THR A 156 -8.73 3.47 4.47
CA THR A 156 -9.86 4.32 4.77
C THR A 156 -9.30 5.70 5.11
N LEU A 157 -9.69 6.71 4.34
CA LEU A 157 -9.21 8.07 4.56
C LEU A 157 -10.04 8.72 5.68
N LYS A 158 -9.36 9.30 6.67
CA LYS A 158 -10.06 9.87 7.80
C LYS A 158 -9.92 11.38 8.04
N GLU A 159 -8.69 11.88 8.05
CA GLU A 159 -8.48 13.32 8.28
C GLU A 159 -7.42 13.90 7.36
N LYS A 160 -7.51 15.21 7.13
CA LYS A 160 -6.57 15.89 6.27
C LYS A 160 -5.15 15.83 6.84
N GLY A 161 -4.23 15.32 6.03
CA GLY A 161 -2.85 15.21 6.46
C GLY A 161 -2.10 14.30 5.52
N THR A 162 -0.82 14.11 5.81
CA THR A 162 0.00 13.25 4.98
C THR A 162 0.61 12.16 5.85
N THR A 163 0.59 10.93 5.34
CA THR A 163 1.17 9.81 6.06
C THR A 163 1.61 8.79 5.04
N THR A 164 2.10 7.65 5.49
CA THR A 164 2.55 6.64 4.55
C THR A 164 1.91 5.30 4.86
N ILE A 165 1.59 4.55 3.81
CA ILE A 165 1.04 3.21 3.97
C ILE A 165 2.16 2.30 3.52
N SER A 166 2.51 1.33 4.36
CA SER A 166 3.58 0.40 4.05
C SER A 166 3.09 -1.04 3.99
N VAL A 167 3.68 -1.83 3.11
CA VAL A 167 3.33 -3.24 3.01
C VAL A 167 4.64 -4.00 3.17
N ILE A 168 4.57 -5.13 3.85
CA ILE A 168 5.75 -5.97 4.01
C ILE A 168 5.38 -7.39 3.61
N SER A 169 6.32 -8.08 2.97
CA SER A 169 6.09 -9.46 2.55
C SER A 169 6.89 -10.33 3.50
N SER A 170 6.44 -11.56 3.74
CA SER A 170 7.13 -12.44 4.67
C SER A 170 8.52 -12.93 4.26
N ASP A 171 8.95 -12.59 3.05
CA ASP A 171 10.29 -12.98 2.62
C ASP A 171 11.22 -11.85 3.06
N ASN A 172 10.64 -10.91 3.81
CA ASN A 172 11.35 -9.77 4.37
C ASN A 172 11.67 -8.61 3.41
N GLN A 173 10.62 -7.94 2.95
CA GLN A 173 10.77 -6.78 2.07
C GLN A 173 9.74 -5.76 2.53
N THR A 174 9.96 -4.51 2.14
CA THR A 174 9.05 -3.43 2.49
C THR A 174 8.89 -2.47 1.32
N ALA A 175 7.65 -2.07 1.04
CA ALA A 175 7.35 -1.11 -0.02
C ALA A 175 6.41 -0.10 0.63
N THR A 176 6.52 1.16 0.26
CA THR A 176 5.68 2.19 0.88
C THR A 176 5.10 3.20 -0.10
N TYR A 177 3.90 3.66 0.22
CA TYR A 177 3.18 4.67 -0.57
C TYR A 177 2.85 5.84 0.34
N THR A 178 3.16 7.05 -0.11
CA THR A 178 2.87 8.22 0.71
C THR A 178 1.56 8.87 0.28
N ILE A 179 0.69 9.10 1.26
CA ILE A 179 -0.59 9.73 1.03
C ILE A 179 -0.36 11.23 1.17
N ALA A 180 -0.56 11.96 0.08
CA ALA A 180 -0.37 13.41 0.09
C ALA A 180 -1.54 14.08 0.78
N THR A 181 -1.28 15.27 1.34
CA THR A 181 -2.29 16.04 2.04
C THR A 181 -3.34 16.47 1.02
N PRO A 182 -4.62 16.20 1.31
CA PRO A 182 -5.72 16.57 0.40
C PRO A 182 -6.05 18.05 0.46
N ASN A 183 -6.65 18.55 -0.62
CA ASN A 183 -7.05 19.95 -0.69
C ASN A 183 -8.33 20.16 0.11
N SER A 184 -9.22 19.17 0.08
CA SER A 184 -10.50 19.26 0.80
C SER A 184 -10.97 17.94 1.40
N LEU A 185 -11.70 18.04 2.50
CA LEU A 185 -12.27 16.87 3.18
C LEU A 185 -13.78 17.11 3.25
N ILE A 186 -14.56 16.13 2.83
CA ILE A 186 -16.02 16.24 2.80
C ILE A 186 -16.62 15.47 3.97
N VAL A 187 -17.33 16.17 4.85
CA VAL A 187 -17.89 15.54 6.04
C VAL A 187 -19.41 15.61 6.17
N PRO A 188 -20.12 14.57 5.71
CA PRO A 188 -21.58 14.55 5.80
C PRO A 188 -21.99 14.19 7.23
N ASN A 189 -22.95 14.92 7.79
CA ASN A 189 -23.43 14.65 9.14
C ASN A 189 -24.78 13.94 8.97
N MET A 190 -24.73 12.61 9.00
CA MET A 190 -25.91 11.77 8.77
C MET A 190 -26.90 11.48 9.91
N SER A 191 -26.66 12.01 11.11
CA SER A 191 -27.55 11.72 12.22
C SER A 191 -28.94 12.37 12.14
N LYS A 192 -29.04 13.45 11.36
CA LYS A 192 -30.32 14.16 11.25
C LYS A 192 -30.31 15.22 10.17
N ARG A 193 -31.47 15.44 9.54
CA ARG A 193 -31.58 16.50 8.54
C ARG A 193 -31.76 17.76 9.37
N VAL A 194 -31.26 18.88 8.87
CA VAL A 194 -31.35 20.14 9.60
C VAL A 194 -31.73 21.29 8.67
N THR A 195 -32.09 22.43 9.25
CA THR A 195 -32.43 23.58 8.43
C THR A 195 -31.14 24.09 7.81
N TYR A 196 -31.27 24.96 6.81
CA TYR A 196 -30.10 25.54 6.16
C TYR A 196 -29.25 26.30 7.18
N ASN A 197 -29.88 27.13 8.00
CA ASN A 197 -29.12 27.90 8.98
C ASN A 197 -28.38 27.01 9.98
N ASP A 198 -29.01 25.92 10.39
CA ASP A 198 -28.35 25.01 11.32
C ASP A 198 -27.17 24.34 10.65
N ALA A 199 -27.26 24.13 9.33
CA ALA A 199 -26.19 23.49 8.58
C ALA A 199 -25.00 24.45 8.52
N VAL A 200 -25.30 25.73 8.31
CA VAL A 200 -24.27 26.76 8.24
C VAL A 200 -23.48 26.79 9.56
N ASN A 201 -24.19 26.79 10.67
CA ASN A 201 -23.53 26.82 11.98
C ASN A 201 -22.72 25.56 12.25
N THR A 202 -23.28 24.40 11.89
CA THR A 202 -22.58 23.13 12.09
C THR A 202 -21.25 23.10 11.35
N CYS A 203 -21.24 23.62 10.12
CA CYS A 203 -20.01 23.64 9.36
C CYS A 203 -19.01 24.61 9.99
N LYS A 204 -19.50 25.75 10.46
CA LYS A 204 -18.65 26.75 11.09
C LYS A 204 -18.01 26.19 12.36
N ASN A 205 -18.78 25.44 13.12
CA ASN A 205 -18.26 24.85 14.36
C ASN A 205 -17.24 23.76 14.06
N PHE A 206 -17.37 23.12 12.90
CA PHE A 206 -16.44 22.07 12.49
C PHE A 206 -15.24 22.73 11.82
N GLY A 207 -15.23 24.06 11.82
CA GLY A 207 -14.14 24.80 11.20
C GLY A 207 -14.14 24.73 9.69
N GLY A 208 -15.29 24.39 9.12
CA GLY A 208 -15.40 24.30 7.66
C GLY A 208 -16.47 25.22 7.12
N LYS A 209 -16.93 24.95 5.91
CA LYS A 209 -17.96 25.76 5.27
C LYS A 209 -18.94 24.86 4.51
N LEU A 210 -20.09 25.40 4.12
CA LEU A 210 -21.06 24.62 3.35
C LEU A 210 -20.49 24.49 1.94
N PRO A 211 -20.95 23.48 1.18
CA PRO A 211 -20.43 23.34 -0.18
C PRO A 211 -20.79 24.68 -0.84
N SER A 212 -19.91 25.22 -1.68
CA SER A 212 -20.20 26.50 -2.32
C SER A 212 -21.26 26.39 -3.40
N SER A 213 -21.46 25.18 -3.90
CA SER A 213 -22.40 24.96 -4.98
C SER A 213 -22.59 23.47 -5.22
N GLN A 214 -23.52 23.14 -6.11
CA GLN A 214 -23.76 21.75 -6.47
C GLN A 214 -22.48 21.24 -7.16
N ASN A 215 -21.81 22.13 -7.88
CA ASN A 215 -20.57 21.78 -8.58
C ASN A 215 -19.52 21.19 -7.62
N GLU A 216 -19.33 21.82 -6.47
CA GLU A 216 -18.32 21.33 -5.52
C GLU A 216 -18.59 19.90 -5.06
N LEU A 217 -19.85 19.55 -4.82
CA LEU A 217 -20.17 18.19 -4.39
C LEU A 217 -20.21 17.23 -5.58
N GLU A 218 -20.54 17.75 -6.76
CA GLU A 218 -20.57 16.90 -7.95
C GLU A 218 -19.16 16.35 -8.19
N ASN A 219 -18.15 17.17 -7.94
CA ASN A 219 -16.78 16.71 -8.14
C ASN A 219 -16.43 15.63 -7.13
N VAL A 220 -17.08 15.68 -5.96
CA VAL A 220 -16.85 14.67 -4.93
C VAL A 220 -17.41 13.34 -5.46
N PHE A 221 -18.63 13.36 -5.97
CA PHE A 221 -19.27 12.15 -6.51
C PHE A 221 -18.45 11.64 -7.71
N LYS A 222 -17.94 12.56 -8.50
CA LYS A 222 -17.12 12.21 -9.67
C LYS A 222 -15.93 11.35 -9.26
N ALA A 223 -15.30 11.71 -8.16
CA ALA A 223 -14.15 10.96 -7.69
C ALA A 223 -14.48 9.69 -6.92
N TRP A 224 -15.49 9.75 -6.05
CA TRP A 224 -15.83 8.61 -5.22
C TRP A 224 -17.07 7.79 -5.58
N GLY A 225 -17.96 8.34 -6.39
CA GLY A 225 -19.18 7.62 -6.73
C GLY A 225 -20.14 7.67 -5.55
N ALA A 226 -21.26 6.96 -5.65
CA ALA A 226 -22.27 6.94 -4.58
C ALA A 226 -21.65 6.68 -3.20
N ALA A 227 -21.84 7.61 -2.27
CA ALA A 227 -21.28 7.51 -0.93
C ALA A 227 -21.66 6.26 -0.15
N ASN A 228 -22.87 5.75 -0.34
CA ASN A 228 -23.30 4.58 0.42
C ASN A 228 -22.66 3.27 -0.01
N LYS A 229 -21.64 3.37 -0.85
CA LYS A 229 -20.90 2.18 -1.30
C LYS A 229 -19.81 1.96 -0.26
N TYR A 230 -19.58 2.98 0.57
CA TYR A 230 -18.58 2.92 1.62
C TYR A 230 -19.22 2.53 2.95
N GLU A 231 -18.56 1.60 3.64
CA GLU A 231 -19.00 1.07 4.91
C GLU A 231 -19.66 2.10 5.84
N TYR A 232 -18.98 3.22 6.04
CA TYR A 232 -19.48 4.26 6.93
C TYR A 232 -20.86 4.80 6.61
N TYR A 233 -21.20 4.93 5.32
CA TYR A 233 -22.49 5.47 4.93
C TYR A 233 -23.45 4.43 4.36
N LYS A 234 -23.13 3.15 4.54
CA LYS A 234 -23.99 2.12 3.95
C LYS A 234 -25.46 2.17 4.32
N SER A 235 -25.80 2.74 5.48
CA SER A 235 -27.20 2.81 5.90
C SER A 235 -28.01 3.93 5.24
N SER A 236 -27.36 4.81 4.49
CA SER A 236 -28.08 5.92 3.86
C SER A 236 -28.46 5.67 2.41
N GLN A 237 -29.72 5.93 2.09
CA GLN A 237 -30.20 5.76 0.73
C GLN A 237 -30.16 7.14 0.09
N THR A 238 -29.99 8.16 0.93
CA THR A 238 -29.92 9.53 0.44
C THR A 238 -29.06 10.41 1.31
N ILE A 239 -28.15 11.15 0.69
CA ILE A 239 -27.31 12.09 1.42
C ILE A 239 -27.49 13.45 0.77
N ILE A 240 -28.75 13.85 0.67
CA ILE A 240 -29.10 15.15 0.09
C ILE A 240 -28.49 16.20 1.03
N SER A 241 -27.68 17.09 0.48
CA SER A 241 -26.99 18.09 1.27
C SER A 241 -27.15 19.53 0.78
N TRP A 242 -27.26 20.46 1.73
CA TRP A 242 -27.41 21.87 1.42
C TRP A 242 -26.16 22.42 0.74
N VAL A 243 -26.34 23.40 -0.14
CA VAL A 243 -25.20 24.07 -0.78
C VAL A 243 -25.43 25.56 -0.49
N GLN A 244 -24.35 26.32 -0.39
CA GLN A 244 -24.44 27.77 -0.11
C GLN A 244 -25.51 28.46 -0.95
N GLN A 245 -26.29 29.32 -0.32
CA GLN A 245 -27.36 30.05 -1.03
C GLN A 245 -26.75 31.07 -1.99
N THR A 246 -27.38 31.26 -3.13
CA THR A 246 -26.93 32.29 -4.07
C THR A 246 -27.65 33.53 -3.53
N ALA A 247 -27.33 34.70 -4.07
CA ALA A 247 -28.00 35.92 -3.61
C ALA A 247 -29.51 35.76 -3.80
N GLN A 248 -29.90 35.16 -4.92
CA GLN A 248 -31.33 34.99 -5.19
C GLN A 248 -32.00 33.98 -4.25
N ASP A 249 -31.29 32.91 -3.89
CA ASP A 249 -31.85 31.91 -2.97
C ASP A 249 -32.14 32.57 -1.61
N ALA A 250 -31.17 33.36 -1.15
CA ALA A 250 -31.27 34.04 0.14
C ALA A 250 -32.48 34.97 0.17
N LYS A 251 -32.68 35.69 -0.93
CA LYS A 251 -33.78 36.63 -1.03
C LYS A 251 -35.15 35.95 -0.93
N SER A 252 -35.24 34.72 -1.43
CA SER A 252 -36.50 33.97 -1.43
C SER A 252 -36.65 32.91 -0.34
N GLY A 253 -35.63 32.75 0.50
CA GLY A 253 -35.72 31.77 1.56
C GLY A 253 -35.62 30.32 1.14
N VAL A 254 -34.82 30.04 0.11
CA VAL A 254 -34.65 28.67 -0.38
C VAL A 254 -33.17 28.40 -0.65
N ALA A 255 -32.85 27.15 -0.95
CA ALA A 255 -31.48 26.77 -1.25
C ALA A 255 -31.50 25.56 -2.16
N SER A 256 -30.34 25.26 -2.76
CA SER A 256 -30.21 24.11 -3.62
C SER A 256 -29.53 23.01 -2.83
N THR A 257 -29.56 21.80 -3.38
CA THR A 257 -28.93 20.66 -2.73
C THR A 257 -28.32 19.74 -3.78
N TYR A 258 -27.43 18.86 -3.31
CA TYR A 258 -26.82 17.87 -4.17
C TYR A 258 -26.81 16.64 -3.28
N ASP A 259 -27.03 15.47 -3.87
CA ASP A 259 -27.11 14.23 -3.13
C ASP A 259 -25.86 13.38 -3.41
N LEU A 260 -25.05 13.16 -2.37
CA LEU A 260 -23.83 12.39 -2.51
C LEU A 260 -24.08 10.90 -2.80
N VAL A 261 -25.35 10.50 -2.80
CA VAL A 261 -25.69 9.12 -3.13
C VAL A 261 -26.38 9.09 -4.50
N LYS A 262 -27.42 9.90 -4.65
CA LYS A 262 -28.21 9.94 -5.88
C LYS A 262 -27.86 11.06 -6.87
N GLN A 263 -26.85 11.86 -6.57
CA GLN A 263 -26.48 13.00 -7.43
C GLN A 263 -27.72 13.90 -7.29
N ASN A 264 -28.63 13.83 -8.25
CA ASN A 264 -29.90 14.56 -8.16
C ASN A 264 -29.84 16.02 -7.69
N PRO A 265 -29.18 16.90 -8.46
CA PRO A 265 -29.16 18.29 -7.97
C PRO A 265 -30.56 18.90 -7.97
N LEU A 266 -30.96 19.48 -6.83
CA LEU A 266 -32.28 20.11 -6.69
C LEU A 266 -32.18 21.59 -6.32
N ASN A 267 -33.24 22.34 -6.60
CA ASN A 267 -33.27 23.76 -6.29
C ASN A 267 -34.63 24.13 -5.66
N ASN A 268 -34.73 25.38 -5.21
CA ASN A 268 -35.96 25.89 -4.61
C ASN A 268 -36.43 25.10 -3.39
N ILE A 269 -35.49 24.58 -2.63
CA ILE A 269 -35.82 23.82 -1.42
C ILE A 269 -35.98 24.83 -0.27
N LYS A 270 -37.11 24.78 0.43
CA LYS A 270 -37.38 25.70 1.53
C LYS A 270 -36.27 25.57 2.59
N ALA A 271 -35.56 26.68 2.82
CA ALA A 271 -34.44 26.72 3.76
C ALA A 271 -34.76 26.66 5.25
N SER A 272 -35.93 27.16 5.63
CA SER A 272 -36.33 27.17 7.04
C SER A 272 -36.80 25.82 7.56
N GLU A 273 -36.76 24.81 6.70
CA GLU A 273 -37.17 23.45 7.09
C GLU A 273 -35.97 22.51 7.08
N SER A 274 -36.07 21.40 7.82
CA SER A 274 -34.98 20.43 7.86
C SER A 274 -35.12 19.47 6.67
N ASN A 275 -34.85 20.02 5.49
CA ASN A 275 -34.96 19.32 4.23
C ASN A 275 -33.69 18.63 3.73
N ALA A 276 -32.57 18.87 4.40
CA ALA A 276 -31.33 18.24 3.96
C ALA A 276 -30.32 18.04 5.09
N TYR A 277 -29.26 17.29 4.78
CA TYR A 277 -28.20 17.03 5.74
C TYR A 277 -27.15 18.11 5.64
N ALA A 278 -26.41 18.31 6.73
CA ALA A 278 -25.34 19.28 6.74
C ALA A 278 -24.06 18.55 6.35
N THR A 279 -23.53 18.89 5.18
CA THR A 279 -22.29 18.29 4.71
C THR A 279 -21.28 19.42 4.70
N CYS A 280 -20.23 19.26 5.48
CA CYS A 280 -19.20 20.28 5.60
C CYS A 280 -17.97 20.00 4.74
N VAL A 281 -17.38 21.08 4.22
CA VAL A 281 -16.18 20.98 3.39
C VAL A 281 -15.05 21.61 4.22
N LYS A 282 -14.06 20.80 4.56
CA LYS A 282 -12.91 21.24 5.36
C LYS A 282 -11.60 21.25 4.58
#